data_8EJX
#
_entry.id   8EJX
#
_cell.length_a   57.014
_cell.length_b   57.014
_cell.length_c   87.602
_cell.angle_alpha   90.000
_cell.angle_beta   90.000
_cell.angle_gamma   90.000
#
_symmetry.space_group_name_H-M   'P 41 21 2'
#
loop_
_entity.id
_entity.type
_entity.pdbx_description
1 polymer 'Peptidyl-prolyl cis-trans isomerase F, mitochondrial'
2 non-polymer N-phenyl-2-selanylbenzamide
3 water water
#
_entity_poly.entity_id   1
_entity_poly.type   'polypeptide(L)'
_entity_poly.pdbx_seq_one_letter_code
;SGNPLVYLDVDANGKPLGRVVLELKADVVPKTAENFRALCTGEKGFGYKGSTFHRVIPSFM(CSO)QAGDFTNHNGTGGK
SIYGSRFPDENFTLKHVGPGVLSMANAGPNTNGSQFFICTIKTDWLDGKHVVFGHVIEGMDVVKKIESFGSKSGRTSKKI
VITDCGQLS
;
_entity_poly.pdbx_strand_id   A
#
# COMPACT_ATOMS: atom_id res chain seq x y z
N GLY A 2 -2.54 9.28 -18.72
CA GLY A 2 -2.04 9.77 -17.44
C GLY A 2 -2.11 8.71 -16.36
N ASN A 3 -0.97 8.47 -15.68
CA ASN A 3 -0.96 7.55 -14.56
C ASN A 3 -1.80 8.12 -13.43
N PRO A 4 -2.60 7.29 -12.76
CA PRO A 4 -3.45 7.80 -11.69
C PRO A 4 -2.62 8.38 -10.56
N LEU A 5 -3.10 9.46 -9.96
CA LEU A 5 -2.65 9.92 -8.66
C LEU A 5 -3.78 9.63 -7.67
N VAL A 6 -3.43 8.99 -6.57
CA VAL A 6 -4.40 8.68 -5.53
C VAL A 6 -3.86 9.18 -4.19
N TYR A 7 -4.76 9.29 -3.22
CA TYR A 7 -4.36 9.75 -1.89
C TYR A 7 -4.88 8.84 -0.79
N LEU A 8 -4.14 8.83 0.31
CA LEU A 8 -4.57 8.23 1.58
C LEU A 8 -4.43 9.30 2.63
N ASP A 9 -5.53 9.64 3.31
CA ASP A 9 -5.47 10.49 4.49
C ASP A 9 -5.40 9.59 5.73
N VAL A 10 -4.39 9.79 6.57
CA VAL A 10 -4.04 8.85 7.64
C VAL A 10 -4.15 9.54 9.00
N ASP A 11 -4.77 8.81 9.95
CA ASP A 11 -4.93 9.17 11.35
C ASP A 11 -4.09 8.25 12.23
N ALA A 12 -3.64 8.80 13.37
CA ALA A 12 -3.04 7.99 14.43
C ALA A 12 -3.87 8.21 15.68
N ASN A 13 -4.57 7.18 16.14
CA ASN A 13 -5.47 7.31 17.28
C ASN A 13 -6.36 8.54 17.13
N GLY A 14 -6.90 8.76 15.94
CA GLY A 14 -7.82 9.84 15.72
C GLY A 14 -7.19 11.18 15.38
N LYS A 15 -5.87 11.33 15.55
CA LYS A 15 -5.20 12.59 15.23
C LYS A 15 -4.75 12.56 13.78
N PRO A 16 -5.18 13.50 12.93
CA PRO A 16 -4.74 13.47 11.54
C PRO A 16 -3.22 13.61 11.43
N LEU A 17 -2.61 12.74 10.64
CA LEU A 17 -1.20 12.85 10.34
C LEU A 17 -0.93 13.56 9.02
N GLY A 18 -1.92 13.60 8.14
CA GLY A 18 -1.78 14.25 6.86
C GLY A 18 -2.06 13.27 5.73
N ARG A 19 -1.62 13.64 4.52
CA ARG A 19 -1.99 12.95 3.29
C ARG A 19 -0.76 12.40 2.60
N VAL A 20 -0.86 11.14 2.16
CA VAL A 20 0.12 10.49 1.32
C VAL A 20 -0.46 10.47 -0.08
N VAL A 21 0.27 11.02 -1.03
CA VAL A 21 -0.14 11.00 -2.42
C VAL A 21 0.76 10.02 -3.16
N LEU A 22 0.15 9.17 -3.95
CA LEU A 22 0.82 8.08 -4.63
C LEU A 22 0.56 8.17 -6.12
N GLU A 23 1.61 7.93 -6.92
CA GLU A 23 1.49 7.75 -8.36
C GLU A 23 1.43 6.25 -8.63
N LEU A 24 0.42 5.81 -9.37
CA LEU A 24 0.29 4.40 -9.75
C LEU A 24 0.76 4.24 -11.20
N LYS A 25 1.77 3.40 -11.39
CA LYS A 25 2.45 3.27 -12.68
C LYS A 25 1.66 2.35 -13.62
N ALA A 26 0.48 2.85 -14.01
CA ALA A 26 -0.39 2.13 -14.93
C ALA A 26 0.26 1.91 -16.30
N ASP A 27 1.18 2.78 -16.70
CA ASP A 27 1.91 2.58 -17.93
C ASP A 27 2.79 1.34 -17.92
N VAL A 28 3.15 0.83 -16.74
CA VAL A 28 4.02 -0.34 -16.61
C VAL A 28 3.26 -1.57 -16.16
N VAL A 29 2.36 -1.40 -15.18
CA VAL A 29 1.59 -2.47 -14.55
C VAL A 29 0.13 -2.04 -14.48
N PRO A 30 -0.57 -2.01 -15.61
CA PRO A 30 -1.91 -1.45 -15.61
C PRO A 30 -2.87 -2.21 -14.72
N LYS A 31 -2.75 -3.53 -14.68
CA LYS A 31 -3.72 -4.31 -13.90
C LYS A 31 -3.51 -4.11 -12.41
N THR A 32 -2.25 -4.05 -11.98
CA THR A 32 -1.95 -3.83 -10.58
C THR A 32 -2.29 -2.40 -10.16
N ALA A 33 -1.99 -1.43 -11.02
CA ALA A 33 -2.40 -0.05 -10.75
C ALA A 33 -3.92 0.08 -10.65
N GLU A 34 -4.66 -0.55 -11.57
CA GLU A 34 -6.12 -0.41 -11.57
C GLU A 34 -6.72 -0.99 -10.29
N ASN A 35 -6.19 -2.11 -9.82
CA ASN A 35 -6.68 -2.67 -8.57
C ASN A 35 -6.53 -1.66 -7.43
N PHE A 36 -5.33 -1.12 -7.24
CA PHE A 36 -5.14 -0.16 -6.15
C PHE A 36 -6.00 1.07 -6.33
N ARG A 37 -6.07 1.61 -7.56
CA ARG A 37 -6.88 2.80 -7.81
C ARG A 37 -8.32 2.59 -7.39
N ALA A 38 -8.92 1.49 -7.83
CA ALA A 38 -10.32 1.22 -7.51
C ALA A 38 -10.52 0.95 -6.03
N LEU A 39 -9.54 0.33 -5.37
CA LEU A 39 -9.68 0.13 -3.92
C LEU A 39 -9.59 1.46 -3.18
N CYS A 40 -8.89 2.44 -3.73
CA CYS A 40 -8.88 3.77 -3.14
C CYS A 40 -10.18 4.52 -3.31
N THR A 41 -10.80 4.44 -4.50
CA THR A 41 -12.06 5.13 -4.69
C THR A 41 -13.21 4.38 -4.04
N GLY A 42 -13.08 3.08 -3.83
CA GLY A 42 -14.17 2.28 -3.32
C GLY A 42 -15.25 1.99 -4.32
N GLU A 43 -14.98 2.21 -5.62
CA GLU A 43 -16.06 2.17 -6.61
C GLU A 43 -16.64 0.78 -6.82
N LYS A 44 -15.95 -0.29 -6.41
CA LYS A 44 -16.48 -1.65 -6.51
C LYS A 44 -17.32 -2.06 -5.31
N GLY A 45 -17.45 -1.19 -4.30
CA GLY A 45 -18.24 -1.49 -3.11
C GLY A 45 -17.42 -1.93 -1.93
N PHE A 46 -16.10 -1.95 -2.08
CA PHE A 46 -15.18 -2.24 -0.99
C PHE A 46 -13.86 -1.56 -1.32
N GLY A 47 -13.00 -1.47 -0.31
CA GLY A 47 -11.72 -0.83 -0.52
C GLY A 47 -11.11 -0.37 0.80
N TYR A 48 -10.15 0.56 0.67
CA TYR A 48 -9.26 0.87 1.77
C TYR A 48 -9.84 1.82 2.81
N LYS A 49 -10.92 2.55 2.50
CA LYS A 49 -11.45 3.52 3.46
C LYS A 49 -11.81 2.83 4.77
N GLY A 50 -11.28 3.35 5.86
CA GLY A 50 -11.56 2.84 7.20
C GLY A 50 -10.62 1.77 7.68
N SER A 51 -9.72 1.27 6.82
CA SER A 51 -8.81 0.20 7.17
C SER A 51 -7.52 0.77 7.72
N THR A 52 -6.56 -0.09 8.04
CA THR A 52 -5.46 0.29 8.90
C THR A 52 -4.11 -0.08 8.29
N PHE A 53 -3.07 0.60 8.78
CA PHE A 53 -1.68 0.14 8.64
C PHE A 53 -1.46 -0.80 9.81
N HIS A 54 -1.49 -2.10 9.56
CA HIS A 54 -1.49 -3.07 10.65
C HIS A 54 -0.09 -3.55 11.02
N ARG A 55 0.90 -3.30 10.18
CA ARG A 55 2.26 -3.76 10.45
C ARG A 55 3.20 -2.66 10.01
N VAL A 56 4.03 -2.17 10.93
CA VAL A 56 4.91 -1.04 10.65
C VAL A 56 6.26 -1.32 11.30
N ILE A 57 7.30 -1.43 10.48
CA ILE A 57 8.62 -1.75 10.98
C ILE A 57 9.55 -0.59 10.70
N PRO A 58 9.94 0.18 11.71
CA PRO A 58 10.79 1.35 11.46
C PRO A 58 12.06 0.95 10.73
N SER A 59 12.47 1.81 9.79
CA SER A 59 13.64 1.66 8.92
C SER A 59 13.37 0.70 7.76
N PHE A 60 12.18 0.11 7.66
CA PHE A 60 11.93 -0.88 6.61
C PHE A 60 10.67 -0.59 5.83
N MET A 61 9.50 -0.62 6.46
CA MET A 61 8.26 -0.50 5.69
C MET A 61 7.04 -0.19 6.51
N GLN A 63 2.95 -1.41 6.23
CA GLN A 63 2.11 -2.36 5.49
C GLN A 63 0.63 -2.12 5.79
N ALA A 64 -0.20 -2.14 4.75
CA ALA A 64 -1.62 -1.88 4.90
C ALA A 64 -2.40 -2.66 3.84
N GLY A 65 -3.71 -2.43 3.77
CA GLY A 65 -4.56 -2.98 2.73
C GLY A 65 -5.38 -4.20 3.13
N ASP A 66 -5.30 -4.66 4.37
CA ASP A 66 -6.13 -5.79 4.80
C ASP A 66 -7.43 -5.22 5.34
N PHE A 67 -8.35 -4.92 4.42
CA PHE A 67 -9.59 -4.28 4.79
C PHE A 67 -10.68 -5.28 5.18
N THR A 68 -10.40 -6.59 5.11
CA THR A 68 -11.36 -7.58 5.58
C THR A 68 -11.07 -8.09 6.99
N ASN A 69 -9.80 -8.35 7.33
CA ASN A 69 -9.45 -8.92 8.63
C ASN A 69 -8.53 -8.03 9.47
N HIS A 70 -7.99 -6.97 8.90
CA HIS A 70 -7.25 -5.95 9.65
C HIS A 70 -6.05 -6.51 10.40
N ASN A 71 -5.47 -7.61 9.90
CA ASN A 71 -4.33 -8.19 10.60
C ASN A 71 -3.29 -8.86 9.71
N GLY A 72 -3.38 -8.75 8.39
CA GLY A 72 -2.39 -9.36 7.52
C GLY A 72 -2.82 -10.66 6.89
N THR A 73 -3.98 -11.21 7.30
CA THR A 73 -4.45 -12.47 6.74
C THR A 73 -5.45 -12.27 5.61
N GLY A 74 -5.99 -11.07 5.44
CA GLY A 74 -7.09 -10.88 4.51
C GLY A 74 -6.84 -9.93 3.34
N GLY A 75 -7.92 -9.29 2.92
CA GLY A 75 -7.89 -8.48 1.72
C GLY A 75 -8.32 -9.29 0.51
N LYS A 76 -8.66 -8.56 -0.55
CA LYS A 76 -9.03 -9.18 -1.80
C LYS A 76 -8.88 -8.12 -2.88
N SER A 77 -8.70 -8.59 -4.11
CA SER A 77 -8.56 -7.67 -5.24
C SER A 77 -9.91 -7.41 -5.90
N ILE A 78 -9.91 -6.43 -6.80
CA ILE A 78 -11.13 -6.16 -7.54
C ILE A 78 -11.45 -7.24 -8.55
N TYR A 79 -10.51 -8.16 -8.78
CA TYR A 79 -10.67 -9.20 -9.79
C TYR A 79 -11.13 -10.52 -9.19
N GLY A 80 -11.04 -10.68 -7.88
CA GLY A 80 -11.19 -11.95 -7.22
C GLY A 80 -10.27 -11.95 -6.02
N SER A 81 -10.13 -13.12 -5.38
CA SER A 81 -9.35 -13.16 -4.13
CA SER A 81 -9.37 -13.11 -4.13
C SER A 81 -7.91 -12.75 -4.37
N ARG A 82 -7.29 -13.30 -5.43
CA ARG A 82 -5.88 -13.07 -5.72
C ARG A 82 -5.72 -12.92 -7.23
N PHE A 83 -4.63 -12.30 -7.64
CA PHE A 83 -4.34 -12.19 -9.07
C PHE A 83 -2.85 -12.29 -9.33
N PRO A 84 -2.45 -12.61 -10.57
CA PRO A 84 -1.04 -12.95 -10.83
C PRO A 84 -0.10 -11.78 -10.71
N ASP A 85 1.19 -12.13 -10.62
CA ASP A 85 2.26 -11.15 -10.71
C ASP A 85 2.34 -10.62 -12.14
N GLU A 86 2.06 -9.33 -12.30
CA GLU A 86 1.94 -8.75 -13.63
C GLU A 86 3.29 -8.69 -14.31
N ASN A 87 4.26 -8.10 -13.63
CA ASN A 87 5.64 -8.11 -14.07
C ASN A 87 6.50 -7.63 -12.91
N PHE A 88 7.81 -7.78 -13.07
CA PHE A 88 8.76 -7.29 -12.10
C PHE A 88 9.66 -6.21 -12.68
N THR A 89 9.09 -5.37 -13.53
CA THR A 89 9.91 -4.39 -14.25
C THR A 89 10.41 -3.28 -13.33
N LEU A 90 9.56 -2.79 -12.45
CA LEU A 90 9.94 -1.74 -11.53
C LEU A 90 10.64 -2.35 -10.33
N LYS A 91 11.66 -1.65 -9.82
CA LYS A 91 12.49 -2.21 -8.78
C LYS A 91 12.32 -1.46 -7.46
N HIS A 92 12.78 -2.11 -6.40
CA HIS A 92 12.76 -1.55 -5.06
C HIS A 92 13.99 -0.64 -4.93
N VAL A 93 13.85 0.57 -5.47
CA VAL A 93 14.98 1.47 -5.66
C VAL A 93 15.28 2.34 -4.44
N GLY A 94 14.37 2.45 -3.49
CA GLY A 94 14.63 3.28 -2.35
C GLY A 94 13.37 3.70 -1.64
N PRO A 95 13.49 4.71 -0.78
CA PRO A 95 12.32 5.14 0.00
C PRO A 95 11.19 5.58 -0.90
N GLY A 96 9.99 5.24 -0.49
CA GLY A 96 8.80 5.70 -1.14
C GLY A 96 8.20 4.76 -2.13
N VAL A 97 8.76 3.58 -2.28
CA VAL A 97 8.30 2.63 -3.28
C VAL A 97 7.03 1.93 -2.79
N LEU A 98 6.08 1.76 -3.71
CA LEU A 98 4.83 1.06 -3.45
C LEU A 98 4.90 -0.35 -4.05
N SER A 99 4.68 -1.37 -3.22
CA SER A 99 4.93 -2.76 -3.61
C SER A 99 3.85 -3.66 -3.05
N MET A 100 3.42 -4.66 -3.84
CA MET A 100 2.35 -5.54 -3.40
C MET A 100 2.89 -6.56 -2.40
N ALA A 101 2.16 -6.73 -1.31
CA ALA A 101 2.41 -7.84 -0.41
C ALA A 101 1.90 -9.13 -1.05
N ASN A 102 2.47 -10.25 -0.64
CA ASN A 102 2.00 -11.51 -1.17
C ASN A 102 2.41 -12.65 -0.26
N ALA A 103 1.87 -13.83 -0.56
CA ALA A 103 2.24 -15.06 0.13
C ALA A 103 2.85 -16.05 -0.83
N GLY A 104 3.71 -15.54 -1.70
CA GLY A 104 4.37 -16.33 -2.71
C GLY A 104 3.94 -15.88 -4.07
N PRO A 105 4.48 -16.52 -5.11
CA PRO A 105 4.14 -16.12 -6.47
C PRO A 105 2.64 -16.09 -6.71
N ASN A 106 2.20 -15.07 -7.42
CA ASN A 106 0.84 -14.96 -7.95
C ASN A 106 -0.21 -15.03 -6.84
N THR A 107 0.00 -14.25 -5.77
CA THR A 107 -0.97 -14.19 -4.68
C THR A 107 -1.23 -12.74 -4.28
N ASN A 108 -1.26 -11.84 -5.26
CA ASN A 108 -1.55 -10.44 -4.97
C ASN A 108 -3.02 -10.30 -4.63
N GLY A 109 -3.31 -9.47 -3.64
CA GLY A 109 -4.68 -9.23 -3.24
C GLY A 109 -4.92 -7.75 -3.11
N SER A 110 -5.00 -7.25 -1.89
CA SER A 110 -5.07 -5.82 -1.66
C SER A 110 -3.98 -5.30 -0.74
N GLN A 111 -3.25 -6.17 -0.05
CA GLN A 111 -2.24 -5.68 0.87
C GLN A 111 -1.05 -5.16 0.10
N PHE A 112 -0.40 -4.15 0.68
CA PHE A 112 0.70 -3.45 0.04
C PHE A 112 1.61 -2.87 1.09
N PHE A 113 2.82 -2.51 0.65
CA PHE A 113 3.88 -1.95 1.46
C PHE A 113 4.27 -0.62 0.86
N ILE A 114 4.60 0.35 1.72
CA ILE A 114 5.41 1.49 1.35
C ILE A 114 6.79 1.16 1.91
N CYS A 115 7.73 0.99 0.99
CA CYS A 115 9.04 0.41 1.27
C CYS A 115 10.07 1.52 1.36
N THR A 116 10.92 1.49 2.39
CA THR A 116 11.92 2.53 2.59
C THR A 116 13.34 2.03 2.31
N ILE A 117 13.50 0.95 1.54
CA ILE A 117 14.78 0.25 1.47
C ILE A 117 15.05 -0.22 0.04
N LYS A 118 16.30 -0.02 -0.41
CA LYS A 118 16.75 -0.50 -1.71
C LYS A 118 17.35 -1.89 -1.54
N THR A 119 16.75 -2.88 -2.18
CA THR A 119 17.15 -4.28 -1.96
C THR A 119 16.88 -5.09 -3.22
N ASP A 120 17.94 -5.64 -3.80
CA ASP A 120 17.80 -6.57 -4.92
C ASP A 120 17.05 -7.84 -4.52
N TRP A 121 17.02 -8.18 -3.22
CA TRP A 121 16.40 -9.42 -2.78
C TRP A 121 14.89 -9.42 -3.00
N LEU A 122 14.26 -8.24 -2.94
CA LEU A 122 12.82 -8.16 -3.16
C LEU A 122 12.49 -8.03 -4.62
N ASP A 123 13.46 -7.63 -5.43
CA ASP A 123 13.23 -7.51 -6.85
C ASP A 123 12.95 -8.90 -7.42
N GLY A 124 11.87 -9.01 -8.17
CA GLY A 124 11.48 -10.28 -8.73
C GLY A 124 10.63 -11.13 -7.84
N LYS A 125 10.35 -10.70 -6.61
CA LYS A 125 9.44 -11.36 -5.68
C LYS A 125 8.17 -10.57 -5.41
N HIS A 126 8.25 -9.25 -5.31
CA HIS A 126 7.10 -8.37 -5.07
C HIS A 126 6.92 -7.42 -6.25
N VAL A 127 5.68 -7.26 -6.70
CA VAL A 127 5.39 -6.35 -7.81
C VAL A 127 5.38 -4.93 -7.31
N VAL A 128 6.29 -4.12 -7.83
CA VAL A 128 6.29 -2.68 -7.59
C VAL A 128 5.34 -2.00 -8.56
N PHE A 129 4.55 -1.06 -8.06
CA PHE A 129 3.53 -0.47 -8.92
C PHE A 129 3.33 1.02 -8.70
N GLY A 130 4.20 1.70 -7.95
CA GLY A 130 4.07 3.14 -7.84
C GLY A 130 5.04 3.66 -6.79
N HIS A 131 4.84 4.92 -6.43
CA HIS A 131 5.73 5.55 -5.47
C HIS A 131 5.06 6.77 -4.85
N VAL A 132 5.63 7.21 -3.74
CA VAL A 132 5.13 8.40 -3.04
C VAL A 132 5.52 9.66 -3.79
N ILE A 133 4.53 10.47 -4.15
CA ILE A 133 4.71 11.77 -4.77
C ILE A 133 4.85 12.87 -3.73
N GLU A 134 4.05 12.78 -2.68
CA GLU A 134 3.99 13.79 -1.64
C GLU A 134 3.62 13.07 -0.35
N GLY A 135 4.12 13.59 0.77
CA GLY A 135 3.80 13.02 2.06
C GLY A 135 4.79 12.05 2.64
N MET A 136 6.04 12.06 2.19
CA MET A 136 7.00 11.15 2.82
C MET A 136 7.20 11.52 4.29
N ASP A 137 6.89 12.75 4.67
CA ASP A 137 6.91 13.08 6.09
C ASP A 137 5.79 12.38 6.86
N VAL A 138 4.64 12.18 6.21
CA VAL A 138 3.54 11.43 6.81
C VAL A 138 3.94 9.96 6.99
N VAL A 139 4.61 9.41 5.97
CA VAL A 139 5.11 8.04 6.03
C VAL A 139 6.07 7.89 7.20
N LYS A 140 6.96 8.84 7.38
CA LYS A 140 7.90 8.74 8.51
C LYS A 140 7.18 8.90 9.86
N LYS A 141 6.07 9.65 9.91
CA LYS A 141 5.28 9.68 11.14
C LYS A 141 4.60 8.34 11.41
N ILE A 142 4.02 7.72 10.39
CA ILE A 142 3.52 6.36 10.54
C ILE A 142 4.63 5.45 11.08
N GLU A 143 5.79 5.51 10.42
CA GLU A 143 6.98 4.76 10.86
C GLU A 143 7.25 4.94 12.35
N SER A 144 7.08 6.16 12.84
CA SER A 144 7.40 6.46 14.23
C SER A 144 6.54 5.69 15.21
N PHE A 145 5.40 5.16 14.77
CA PHE A 145 4.50 4.40 15.63
C PHE A 145 4.63 2.90 15.44
N GLY A 146 5.66 2.44 14.71
CA GLY A 146 5.89 1.02 14.53
C GLY A 146 6.85 0.45 15.55
N SER A 147 7.32 -0.76 15.28
CA SER A 147 8.20 -1.44 16.22
C SER A 147 8.85 -2.63 15.53
N LYS A 148 9.86 -3.19 16.19
CA LYS A 148 10.61 -4.30 15.59
C LYS A 148 9.67 -5.41 15.12
N SER A 149 8.63 -5.69 15.91
CA SER A 149 7.71 -6.78 15.59
C SER A 149 6.72 -6.40 14.51
N GLY A 150 6.54 -5.10 14.29
CA GLY A 150 5.52 -4.59 13.41
C GLY A 150 4.30 -4.06 14.13
N ARG A 151 4.11 -4.40 15.40
CA ARG A 151 2.96 -3.91 16.13
C ARG A 151 3.03 -2.39 16.25
N THR A 152 1.91 -1.73 16.01
CA THR A 152 1.83 -0.28 16.09
C THR A 152 1.36 0.14 17.48
N SER A 153 1.87 1.28 17.94
CA SER A 153 1.55 1.81 19.27
C SER A 153 0.34 2.73 19.26
N LYS A 154 -0.13 3.13 18.09
CA LYS A 154 -1.40 3.79 17.90
C LYS A 154 -2.13 3.05 16.78
N LYS A 155 -3.46 3.18 16.76
CA LYS A 155 -4.26 2.67 15.65
C LYS A 155 -4.10 3.61 14.47
N ILE A 156 -3.49 3.13 13.38
CA ILE A 156 -3.16 3.97 12.23
C ILE A 156 -4.20 3.67 11.16
N VAL A 157 -5.03 4.65 10.84
CA VAL A 157 -6.23 4.42 10.04
C VAL A 157 -6.21 5.30 8.79
N ILE A 158 -6.57 4.68 7.67
CA ILE A 158 -6.83 5.40 6.41
C ILE A 158 -8.24 5.93 6.53
N THR A 159 -8.38 7.18 6.98
CA THR A 159 -9.71 7.70 7.25
C THR A 159 -10.42 8.07 5.96
N ASP A 160 -9.67 8.44 4.93
CA ASP A 160 -10.25 8.75 3.64
C ASP A 160 -9.21 8.42 2.59
N CYS A 161 -9.68 8.09 1.39
CA CYS A 161 -8.80 7.80 0.27
C CYS A 161 -9.60 7.99 -1.01
N GLY A 162 -8.88 8.21 -2.09
CA GLY A 162 -9.55 8.40 -3.36
C GLY A 162 -8.57 8.72 -4.46
N GLN A 163 -9.11 9.23 -5.55
CA GLN A 163 -8.34 9.52 -6.74
C GLN A 163 -8.31 11.02 -6.97
N LEU A 164 -7.12 11.56 -7.18
CA LEU A 164 -6.92 12.97 -7.49
C LEU A 164 -6.97 13.26 -8.98
N SER A 165 -6.43 12.35 -9.79
CA SER A 165 -6.41 12.51 -11.25
C SER A 165 -6.14 11.17 -11.92
#